data_5ZRR
#
_entry.id   5ZRR
#
_cell.length_a   49.507
_cell.length_b   61.397
_cell.length_c   76.783
_cell.angle_alpha   90.0
_cell.angle_beta   90.0
_cell.angle_gamma   90.0
#
_symmetry.space_group_name_H-M   'P 21 21 21'
#
loop_
_entity.id
_entity.type
_entity.pdbx_description
1 polymer 'Alpha/beta hydrolase family protein'
2 non-polymer '4-ethoxy-4-oxobutanoic acid'
3 non-polymer 'ZINC ION'
4 non-polymer GLYCEROL
5 non-polymer 'SULFATE ION'
6 water water
#
_entity_poly.entity_id   1
_entity_poly.type   'polypeptide(L)'
_entity_poly.pdbx_seq_one_letter_code
;GPQDNPYERGPDPTEDSIEAIRGPFSVATERVSSFASGFGGGTIYYPRETDEGTFGAVAVAPGFTASQGSMSWYGERVAS
QGFIVFTIDTNTRLDQPGQRGRQLLAALDYLVERSDRKVRERLDPNRLAVMGHAMGGGGSLEATV(MHO)RPSLKASIPL
TPWNLDKTWGQVQVPTFIIGAELDTIAPVSTHAKPFYESLPSSLPKAYMELDGATHFAPNIPNTTIAKYVISWLKRFVDE
DTRYSQFLCPNPTDRAIEEYRSTCPYKLN
;
_entity_poly.pdbx_strand_id   A
#
# COMPACT_ATOMS: atom_id res chain seq x y z
N GLY A 1 -20.69 8.87 8.02
CA GLY A 1 -20.43 9.53 9.30
C GLY A 1 -19.86 8.58 10.34
N PRO A 2 -19.32 9.14 11.44
CA PRO A 2 -18.67 8.38 12.50
C PRO A 2 -19.61 7.41 13.21
N GLN A 3 -20.92 7.68 13.16
CA GLN A 3 -21.89 6.83 13.84
C GLN A 3 -21.94 5.42 13.29
N ASP A 4 -21.84 5.28 11.97
CA ASP A 4 -21.92 3.97 11.34
C ASP A 4 -20.56 3.30 11.16
N ASN A 5 -19.49 4.04 11.45
CA ASN A 5 -18.15 3.51 11.33
C ASN A 5 -17.14 4.29 12.16
N PRO A 6 -16.64 3.69 13.25
CA PRO A 6 -15.75 4.40 14.16
C PRO A 6 -14.37 4.64 13.58
N TYR A 7 -14.08 4.05 12.43
CA TYR A 7 -12.77 4.18 11.81
C TYR A 7 -12.70 5.28 10.74
N GLU A 8 -13.82 5.94 10.44
CA GLU A 8 -13.82 7.01 9.46
C GLU A 8 -12.99 8.17 9.96
N ARG A 9 -12.09 8.65 9.11
CA ARG A 9 -11.27 9.83 9.40
C ARG A 9 -11.35 10.81 8.24
N GLY A 10 -11.35 12.10 8.55
CA GLY A 10 -11.36 13.12 7.52
C GLY A 10 -12.74 13.39 6.96
N PRO A 11 -12.87 14.52 6.26
CA PRO A 11 -14.17 14.88 5.70
C PRO A 11 -14.55 13.99 4.53
N ASP A 12 -15.81 14.06 4.13
CA ASP A 12 -16.30 13.26 3.02
C ASP A 12 -15.47 13.55 1.77
N PRO A 13 -15.03 12.48 1.08
CA PRO A 13 -14.09 12.69 -0.02
C PRO A 13 -14.70 13.08 -1.34
N THR A 14 -13.85 13.59 -2.21
CA THR A 14 -14.20 13.89 -3.60
C THR A 14 -13.04 13.39 -4.44
N GLU A 15 -13.20 13.47 -5.76
CA GLU A 15 -12.09 13.13 -6.65
C GLU A 15 -10.88 13.98 -6.29
N ASP A 16 -11.17 15.24 -5.92
CA ASP A 16 -10.12 16.19 -5.62
C ASP A 16 -9.38 15.85 -4.34
N SER A 17 -10.11 15.37 -3.34
CA SER A 17 -9.46 15.06 -2.07
C SER A 17 -8.55 13.84 -2.21
N ILE A 18 -8.93 12.85 -3.01
CA ILE A 18 -8.06 11.69 -3.20
C ILE A 18 -6.85 11.99 -4.11
N GLU A 19 -6.99 13.00 -4.96
CA GLU A 19 -5.90 13.45 -5.83
C GLU A 19 -4.97 14.44 -5.14
N ALA A 20 -5.40 14.97 -3.99
CA ALA A 20 -4.64 16.02 -3.30
C ALA A 20 -3.23 15.56 -2.90
N ILE A 21 -2.27 16.45 -3.05
CA ILE A 21 -0.90 16.12 -2.68
C ILE A 21 -0.83 15.85 -1.18
N ARG A 22 -1.60 16.61 -0.40
CA ARG A 22 -1.74 16.37 1.04
C ARG A 22 -3.21 16.39 1.44
N GLY A 23 -3.60 15.41 2.25
CA GLY A 23 -4.94 15.34 2.82
C GLY A 23 -5.12 16.24 4.01
N PRO A 24 -6.16 15.98 4.81
CA PRO A 24 -6.55 16.89 5.90
C PRO A 24 -5.68 16.82 7.15
N PHE A 25 -4.81 15.81 7.26
CA PHE A 25 -3.97 15.68 8.45
C PHE A 25 -2.56 16.18 8.20
N SER A 26 -2.01 16.94 9.13
CA SER A 26 -0.59 17.28 9.06
C SER A 26 0.23 16.08 9.54
N VAL A 27 1.46 15.97 9.07
CA VAL A 27 2.24 14.75 9.24
C VAL A 27 3.58 15.05 9.91
N ALA A 28 3.92 14.23 10.91
CA ALA A 28 5.23 14.26 11.54
C ALA A 28 6.01 13.00 11.16
N THR A 29 7.33 13.05 11.34
CA THR A 29 8.15 11.88 11.04
C THR A 29 9.04 11.43 12.19
N GLU A 30 9.40 10.16 12.15
CA GLU A 30 10.28 9.54 13.12
C GLU A 30 11.21 8.61 12.35
N ARG A 31 12.53 8.83 12.42
CA ARG A 31 13.48 7.90 11.82
C ARG A 31 13.67 6.71 12.75
N VAL A 32 13.81 5.54 12.16
CA VAL A 32 14.06 4.32 12.91
C VAL A 32 15.35 3.69 12.41
N SER A 33 16.35 3.55 13.27
CA SER A 33 17.65 3.02 12.85
C SER A 33 17.54 1.54 12.45
N SER A 34 16.79 0.79 13.25
CA SER A 34 16.57 -0.62 12.98
C SER A 34 15.24 -1.05 13.58
N PHE A 35 14.38 -1.68 12.76
CA PHE A 35 13.14 -2.24 13.29
C PHE A 35 13.28 -3.72 13.65
N ALA A 36 14.38 -4.34 13.22
CA ALA A 36 14.70 -5.71 13.61
C ALA A 36 16.11 -6.02 13.19
N SER A 37 16.83 -6.80 13.98
CA SER A 37 18.23 -7.09 13.66
C SER A 37 18.31 -7.78 12.31
N GLY A 38 19.20 -7.30 11.46
CA GLY A 38 19.37 -7.87 10.13
C GLY A 38 18.49 -7.23 9.07
N PHE A 39 17.51 -6.44 9.49
CA PHE A 39 16.53 -5.89 8.55
C PHE A 39 16.66 -4.40 8.26
N GLY A 40 17.48 -3.69 9.04
CA GLY A 40 17.67 -2.26 8.83
C GLY A 40 16.51 -1.42 9.36
N GLY A 41 16.47 -0.17 8.91
CA GLY A 41 15.52 0.78 9.44
C GLY A 41 14.57 1.38 8.43
N GLY A 42 14.00 2.52 8.79
CA GLY A 42 13.04 3.18 7.92
C GLY A 42 12.56 4.47 8.51
N THR A 43 11.52 5.04 7.91
CA THR A 43 10.95 6.31 8.35
C THR A 43 9.48 6.12 8.61
N ILE A 44 9.02 6.57 9.77
CA ILE A 44 7.60 6.54 10.12
C ILE A 44 7.00 7.91 9.91
N TYR A 45 5.89 7.94 9.17
CA TYR A 45 5.11 9.15 8.93
C TYR A 45 3.81 8.96 9.68
N TYR A 46 3.41 9.93 10.49
CA TYR A 46 2.17 9.77 11.26
C TYR A 46 1.39 11.06 11.34
N PRO A 47 0.05 10.95 11.40
CA PRO A 47 -0.77 12.16 11.52
C PRO A 47 -0.56 12.81 12.88
N ARG A 48 -0.43 14.13 12.91
CA ARG A 48 -0.21 14.82 14.16
C ARG A 48 -1.47 14.87 15.01
N GLU A 49 -2.61 14.99 14.35
CA GLU A 49 -3.89 15.18 15.04
C GLU A 49 -4.47 13.87 15.58
N THR A 50 -4.79 13.88 16.87
CA THR A 50 -5.30 12.71 17.57
C THR A 50 -6.80 12.81 17.87
N ASP A 51 -7.41 13.94 17.54
CA ASP A 51 -8.79 14.18 17.96
C ASP A 51 -9.87 13.39 17.23
N GLU A 52 -9.51 12.66 16.18
CA GLU A 52 -10.50 11.85 15.49
C GLU A 52 -10.38 10.37 15.77
N GLY A 53 -9.38 9.99 16.55
CA GLY A 53 -9.15 8.58 16.83
C GLY A 53 -7.82 8.08 16.28
N THR A 54 -7.51 6.82 16.60
CA THR A 54 -6.30 6.19 16.10
C THR A 54 -6.43 5.78 14.63
N PHE A 55 -5.30 5.39 14.05
CA PHE A 55 -5.22 5.13 12.61
C PHE A 55 -4.66 3.76 12.34
N GLY A 56 -5.03 3.20 11.20
CA GLY A 56 -4.35 2.03 10.68
C GLY A 56 -2.99 2.40 10.12
N ALA A 57 -2.22 1.38 9.77
CA ALA A 57 -0.85 1.59 9.33
C ALA A 57 -0.53 0.75 8.12
N VAL A 58 0.35 1.27 7.27
CA VAL A 58 0.86 0.53 6.13
C VAL A 58 2.38 0.56 6.12
N ALA A 59 2.98 -0.62 5.98
CA ALA A 59 4.42 -0.73 5.77
C ALA A 59 4.69 -0.79 4.27
N VAL A 60 5.73 -0.08 3.85
CA VAL A 60 6.00 0.15 2.44
C VAL A 60 7.43 -0.28 2.09
N ALA A 61 7.56 -1.30 1.26
CA ALA A 61 8.85 -1.88 0.89
C ALA A 61 9.31 -1.40 -0.46
N PRO A 62 10.62 -1.15 -0.61
CA PRO A 62 11.17 -0.80 -1.92
C PRO A 62 11.55 -2.04 -2.71
N GLY A 63 11.98 -1.81 -3.94
CA GLY A 63 12.49 -2.87 -4.79
C GLY A 63 13.94 -3.19 -4.50
N PHE A 64 14.47 -4.11 -5.31
CA PHE A 64 15.84 -4.58 -5.16
C PHE A 64 16.81 -3.83 -6.08
N THR A 65 16.50 -3.71 -7.37
CA THR A 65 17.49 -3.13 -8.30
C THR A 65 17.83 -1.69 -7.98
N ALA A 66 19.10 -1.36 -8.20
CA ALA A 66 19.67 -0.06 -7.85
C ALA A 66 18.93 1.10 -8.52
N SER A 67 18.46 2.02 -7.69
CA SER A 67 17.80 3.23 -8.16
C SER A 67 17.75 4.24 -7.02
N GLN A 68 18.18 5.46 -7.30
CA GLN A 68 18.15 6.52 -6.29
C GLN A 68 16.71 7.00 -6.07
N GLY A 69 15.85 6.72 -7.03
CA GLY A 69 14.41 6.92 -6.85
C GLY A 69 13.96 6.05 -5.70
N SER A 70 12.90 6.47 -5.01
CA SER A 70 12.56 5.81 -3.76
C SER A 70 11.07 5.67 -3.50
N MET A 71 10.74 5.34 -2.26
CA MET A 71 9.36 5.23 -1.83
C MET A 71 8.98 6.36 -0.87
N SER A 72 9.87 7.32 -0.68
CA SER A 72 9.65 8.35 0.34
CA SER A 72 9.66 8.36 0.33
C SER A 72 8.40 9.19 0.07
N TRP A 73 8.07 9.41 -1.20
CA TRP A 73 6.94 10.26 -1.52
C TRP A 73 5.59 9.72 -1.03
N TYR A 74 5.49 8.41 -0.83
CA TYR A 74 4.27 7.83 -0.26
C TYR A 74 4.03 8.27 1.16
N GLY A 75 5.09 8.60 1.89
CA GLY A 75 5.01 8.83 3.32
C GLY A 75 3.99 9.88 3.73
N GLU A 76 4.23 11.13 3.34
CA GLU A 76 3.31 12.19 3.73
C GLU A 76 2.06 12.18 2.86
N ARG A 77 2.18 11.74 1.61
CA ARG A 77 1.03 11.75 0.71
C ARG A 77 -0.06 10.86 1.26
N VAL A 78 0.32 9.68 1.74
CA VAL A 78 -0.65 8.77 2.31
C VAL A 78 -0.96 9.07 3.77
N ALA A 79 0.05 9.38 4.58
CA ALA A 79 -0.20 9.64 6.00
C ALA A 79 -1.15 10.81 6.21
N SER A 80 -1.07 11.81 5.32
CA SER A 80 -1.89 13.00 5.46
C SER A 80 -3.36 12.72 5.21
N GLN A 81 -3.69 11.54 4.70
CA GLN A 81 -5.07 11.10 4.57
C GLN A 81 -5.58 10.35 5.80
N GLY A 82 -4.72 10.21 6.82
CA GLY A 82 -5.09 9.54 8.04
C GLY A 82 -4.58 8.11 8.15
N PHE A 83 -3.27 7.94 8.01
CA PHE A 83 -2.63 6.63 8.14
C PHE A 83 -1.26 6.79 8.74
N ILE A 84 -0.77 5.77 9.42
CA ILE A 84 0.63 5.69 9.76
C ILE A 84 1.32 4.94 8.62
N VAL A 85 2.41 5.52 8.12
CA VAL A 85 3.11 4.95 6.98
C VAL A 85 4.57 4.72 7.36
N PHE A 86 5.06 3.49 7.19
CA PHE A 86 6.43 3.15 7.58
C PHE A 86 7.18 2.76 6.31
N THR A 87 7.99 3.67 5.76
CA THR A 87 8.77 3.34 4.58
C THR A 87 10.04 2.64 5.00
N ILE A 88 10.29 1.49 4.40
CA ILE A 88 11.42 0.64 4.74
C ILE A 88 12.62 0.99 3.85
N ASP A 89 13.82 1.10 4.45
CA ASP A 89 15.01 1.44 3.69
C ASP A 89 15.36 0.34 2.69
N THR A 90 16.07 0.71 1.63
CA THR A 90 16.57 -0.31 0.71
C THR A 90 17.56 -1.22 1.43
N ASN A 91 17.66 -2.46 0.95
CA ASN A 91 18.55 -3.45 1.55
C ASN A 91 18.99 -4.46 0.50
N THR A 92 20.23 -4.32 0.05
CA THR A 92 20.74 -5.14 -1.05
C THR A 92 20.97 -6.59 -0.64
N ARG A 93 20.86 -6.88 0.65
CA ARG A 93 21.04 -8.24 1.14
C ARG A 93 19.79 -9.09 1.00
N LEU A 94 18.65 -8.44 0.83
CA LEU A 94 17.39 -9.16 0.71
C LEU A 94 17.05 -9.28 -0.77
N ASP A 95 17.41 -10.42 -1.36
CA ASP A 95 17.30 -10.59 -2.80
C ASP A 95 16.21 -11.59 -3.20
N GLN A 96 15.33 -11.93 -2.27
CA GLN A 96 14.17 -12.79 -2.57
C GLN A 96 12.87 -12.17 -2.05
N PRO A 97 11.78 -12.33 -2.78
CA PRO A 97 10.48 -11.81 -2.33
C PRO A 97 10.08 -12.27 -0.93
N GLY A 98 10.34 -13.52 -0.57
CA GLY A 98 9.95 -14.01 0.74
C GLY A 98 10.67 -13.25 1.83
N GLN A 99 11.95 -12.94 1.60
CA GLN A 99 12.72 -12.14 2.54
C GLN A 99 12.10 -10.76 2.71
N ARG A 100 11.67 -10.16 1.61
CA ARG A 100 11.04 -8.84 1.68
C ARG A 100 9.68 -8.91 2.35
N GLY A 101 8.99 -10.03 2.21
CA GLY A 101 7.75 -10.26 2.94
C GLY A 101 8.00 -10.29 4.44
N ARG A 102 9.04 -11.01 4.84
CA ARG A 102 9.39 -11.06 6.26
C ARG A 102 9.83 -9.69 6.75
N GLN A 103 10.51 -8.92 5.90
CA GLN A 103 10.90 -7.56 6.27
C GLN A 103 9.70 -6.66 6.50
N LEU A 104 8.72 -6.73 5.61
CA LEU A 104 7.46 -6.00 5.79
C LEU A 104 6.79 -6.34 7.12
N LEU A 105 6.71 -7.64 7.42
CA LEU A 105 6.06 -8.06 8.65
C LEU A 105 6.85 -7.60 9.88
N ALA A 106 8.19 -7.68 9.82
CA ALA A 106 9.02 -7.19 10.92
C ALA A 106 8.81 -5.69 11.16
N ALA A 107 8.63 -4.94 10.08
CA ALA A 107 8.40 -3.50 10.22
C ALA A 107 7.08 -3.26 10.94
N LEU A 108 6.04 -4.00 10.59
CA LEU A 108 4.77 -3.90 11.27
C LEU A 108 4.86 -4.33 12.74
N ASP A 109 5.61 -5.41 13.00
CA ASP A 109 5.80 -5.87 14.38
C ASP A 109 6.40 -4.75 15.22
N TYR A 110 7.39 -4.06 14.66
CA TYR A 110 8.07 -2.97 15.37
C TYR A 110 7.07 -1.85 15.67
N LEU A 111 6.27 -1.46 14.68
CA LEU A 111 5.29 -0.40 14.88
C LEU A 111 4.40 -0.69 16.07
N VAL A 112 3.88 -1.91 16.11
CA VAL A 112 2.94 -2.31 17.13
C VAL A 112 3.63 -2.46 18.49
N GLU A 113 4.83 -3.04 18.49
CA GLU A 113 5.48 -3.44 19.74
C GLU A 113 6.25 -2.35 20.46
N ARG A 114 7.00 -1.52 19.73
CA ARG A 114 7.99 -0.70 20.41
C ARG A 114 8.44 0.54 19.66
N SER A 115 7.66 0.98 18.68
CA SER A 115 7.92 2.26 18.06
C SER A 115 7.75 3.36 19.10
N ASP A 116 8.22 4.55 18.74
CA ASP A 116 8.08 5.69 19.64
C ASP A 116 6.66 5.81 20.14
N ARG A 117 6.50 6.15 21.43
CA ARG A 117 5.17 6.22 22.02
C ARG A 117 4.23 7.17 21.28
N LYS A 118 4.78 8.20 20.64
CA LYS A 118 3.94 9.11 19.86
C LYS A 118 3.24 8.36 18.73
N VAL A 119 3.92 7.37 18.16
CA VAL A 119 3.34 6.58 17.09
C VAL A 119 2.34 5.59 17.66
N ARG A 120 2.73 4.87 18.71
CA ARG A 120 1.81 3.89 19.28
C ARG A 120 0.52 4.50 19.84
N GLU A 121 0.59 5.73 20.35
CA GLU A 121 -0.58 6.41 20.87
C GLU A 121 -1.58 6.75 19.76
N ARG A 122 -1.11 6.67 18.51
CA ARG A 122 -1.92 7.01 17.36
C ARG A 122 -2.31 5.79 16.55
N LEU A 123 -1.89 4.61 17.01
CA LEU A 123 -1.97 3.39 16.21
C LEU A 123 -3.07 2.44 16.64
N ASP A 124 -3.85 1.96 15.68
CA ASP A 124 -4.72 0.83 15.93
C ASP A 124 -4.00 -0.41 15.41
N PRO A 125 -3.47 -1.23 16.33
CA PRO A 125 -2.61 -2.35 15.93
C PRO A 125 -3.39 -3.47 15.23
N ASN A 126 -4.71 -3.37 15.24
CA ASN A 126 -5.54 -4.38 14.58
C ASN A 126 -5.78 -4.09 13.12
N ARG A 127 -5.31 -2.95 12.63
CA ARG A 127 -5.62 -2.53 11.26
C ARG A 127 -4.36 -2.17 10.50
N LEU A 128 -3.76 -3.19 9.90
CA LEU A 128 -2.42 -3.06 9.29
C LEU A 128 -2.47 -3.47 7.83
N ALA A 129 -1.55 -2.93 7.05
CA ALA A 129 -1.49 -3.20 5.62
C ALA A 129 -0.05 -3.23 5.14
N VAL A 130 0.14 -3.78 3.94
CA VAL A 130 1.43 -3.83 3.28
C VAL A 130 1.33 -3.26 1.86
N MET A 131 2.43 -2.65 1.42
CA MET A 131 2.55 -2.12 0.07
C MET A 131 4.02 -2.23 -0.31
N GLY A 132 4.32 -2.43 -1.59
CA GLY A 132 5.72 -2.53 -1.95
C GLY A 132 5.93 -2.42 -3.44
N HIS A 133 7.12 -1.97 -3.82
CA HIS A 133 7.52 -1.82 -5.21
C HIS A 133 8.37 -2.99 -5.68
N ALA A 134 8.01 -3.55 -6.83
CA ALA A 134 8.85 -4.50 -7.55
C ALA A 134 9.07 -5.75 -6.69
N MET A 135 10.31 -6.13 -6.36
CA MET A 135 10.48 -7.26 -5.46
C MET A 135 9.79 -7.04 -4.12
N GLY A 136 9.69 -5.77 -3.71
CA GLY A 136 8.91 -5.42 -2.53
C GLY A 136 7.41 -5.62 -2.71
N GLY A 137 6.96 -5.50 -3.95
CA GLY A 137 5.59 -5.84 -4.31
C GLY A 137 5.37 -7.33 -4.28
N GLY A 138 6.34 -8.10 -4.76
CA GLY A 138 6.31 -9.53 -4.55
C GLY A 138 6.25 -9.82 -3.06
N GLY A 139 7.01 -9.06 -2.28
CA GLY A 139 7.00 -9.20 -0.83
C GLY A 139 5.64 -8.92 -0.20
N SER A 140 4.90 -7.96 -0.75
CA SER A 140 3.56 -7.63 -0.27
C SER A 140 2.66 -8.88 -0.39
N LEU A 141 2.73 -9.53 -1.54
CA LEU A 141 2.00 -10.79 -1.75
C LEU A 141 2.41 -11.83 -0.71
N GLU A 142 3.72 -12.04 -0.58
CA GLU A 142 4.25 -13.00 0.37
C GLU A 142 3.76 -12.70 1.79
N ALA A 143 3.80 -11.44 2.18
CA ALA A 143 3.41 -11.04 3.51
C ALA A 143 1.96 -11.42 3.79
N THR A 144 1.08 -11.31 2.79
CA THR A 144 -0.33 -11.62 3.03
C THR A 144 -0.60 -13.10 3.24
N VAL A 145 0.18 -13.97 2.61
CA VAL A 145 0.04 -15.39 2.84
C VAL A 145 0.56 -15.74 4.23
N ARG A 147 0.63 -13.60 6.82
CA ARG A 147 -0.20 -12.92 7.81
C ARG A 147 -1.57 -12.57 7.21
N PRO A 148 -2.49 -13.53 7.19
CA PRO A 148 -3.78 -13.30 6.52
C PRO A 148 -4.66 -12.27 7.23
N SER A 149 -4.29 -11.88 8.45
CA SER A 149 -5.06 -10.88 9.19
C SER A 149 -4.80 -9.45 8.71
N LEU A 150 -3.85 -9.27 7.80
CA LEU A 150 -3.64 -7.94 7.22
C LEU A 150 -4.93 -7.45 6.55
N LYS A 151 -5.14 -6.13 6.54
CA LYS A 151 -6.36 -5.57 6.00
C LYS A 151 -6.27 -5.26 4.52
N ALA A 152 -5.07 -4.98 4.03
CA ALA A 152 -4.91 -4.62 2.62
C ALA A 152 -3.49 -4.85 2.16
N SER A 153 -3.34 -5.03 0.85
CA SER A 153 -2.05 -5.27 0.21
C SER A 153 -2.03 -4.59 -1.14
N ILE A 154 -0.95 -3.85 -1.40
CA ILE A 154 -0.81 -3.10 -2.63
C ILE A 154 0.54 -3.37 -3.29
N PRO A 155 0.60 -4.41 -4.13
CA PRO A 155 1.83 -4.70 -4.89
C PRO A 155 1.96 -3.77 -6.09
N LEU A 156 3.00 -2.94 -6.09
CA LEU A 156 3.25 -1.94 -7.12
C LEU A 156 4.30 -2.46 -8.09
N THR A 157 3.95 -2.50 -9.36
CA THR A 157 4.76 -3.15 -10.41
C THR A 157 5.49 -4.37 -9.84
N PRO A 158 4.73 -5.32 -9.30
CA PRO A 158 5.33 -6.38 -8.48
C PRO A 158 6.15 -7.39 -9.29
N TRP A 159 7.16 -7.93 -8.63
CA TRP A 159 8.04 -8.95 -9.20
C TRP A 159 8.04 -10.14 -8.26
N ASN A 160 7.72 -11.33 -8.79
CA ASN A 160 7.79 -12.55 -8.01
C ASN A 160 7.74 -13.73 -8.99
N LEU A 161 8.61 -14.72 -8.78
CA LEU A 161 8.62 -15.88 -9.67
C LEU A 161 7.53 -16.88 -9.29
N ASP A 162 6.99 -16.76 -8.08
CA ASP A 162 5.82 -17.54 -7.68
C ASP A 162 4.61 -16.84 -8.29
N LYS A 163 3.92 -17.53 -9.19
CA LYS A 163 2.82 -16.93 -9.95
C LYS A 163 1.44 -17.24 -9.40
N THR A 164 1.39 -18.03 -8.33
CA THR A 164 0.14 -18.56 -7.81
C THR A 164 -0.18 -17.99 -6.43
N TRP A 165 -1.32 -17.32 -6.35
CA TRP A 165 -1.72 -16.58 -5.16
C TRP A 165 -3.16 -16.85 -4.78
N GLY A 166 -3.62 -18.07 -5.08
CA GLY A 166 -4.97 -18.48 -4.72
C GLY A 166 -5.22 -18.56 -3.23
N GLN A 167 -4.16 -18.53 -2.43
CA GLN A 167 -4.32 -18.60 -0.98
C GLN A 167 -4.37 -17.23 -0.29
N VAL A 168 -4.28 -16.15 -1.07
CA VAL A 168 -4.35 -14.82 -0.49
C VAL A 168 -5.77 -14.50 -0.02
N GLN A 169 -5.87 -14.00 1.21
CA GLN A 169 -7.17 -13.69 1.81
C GLN A 169 -7.33 -12.22 2.11
N VAL A 170 -6.31 -11.44 1.75
CA VAL A 170 -6.25 -10.01 2.07
C VAL A 170 -6.59 -9.22 0.81
N PRO A 171 -7.53 -8.26 0.89
CA PRO A 171 -7.85 -7.41 -0.28
C PRO A 171 -6.61 -6.80 -0.94
N THR A 172 -6.44 -7.10 -2.21
CA THR A 172 -5.19 -6.84 -2.91
C THR A 172 -5.42 -6.01 -4.15
N PHE A 173 -4.67 -4.91 -4.26
CA PHE A 173 -4.72 -3.99 -5.38
C PHE A 173 -3.35 -3.99 -6.05
N ILE A 174 -3.27 -4.54 -7.26
CA ILE A 174 -2.02 -4.62 -7.99
C ILE A 174 -1.98 -3.50 -9.02
N ILE A 175 -0.86 -2.78 -9.05
CA ILE A 175 -0.65 -1.76 -10.07
C ILE A 175 0.46 -2.21 -11.01
N GLY A 176 0.18 -2.21 -12.31
CA GLY A 176 1.17 -2.58 -13.32
C GLY A 176 1.58 -1.38 -14.16
N ALA A 177 2.73 -1.51 -14.80
CA ALA A 177 3.24 -0.49 -15.72
C ALA A 177 3.37 -1.10 -17.10
N GLU A 178 2.67 -0.50 -18.07
CA GLU A 178 2.59 -1.05 -19.41
C GLU A 178 3.94 -1.40 -20.04
N LEU A 179 4.91 -0.49 -19.90
CA LEU A 179 6.20 -0.62 -20.58
C LEU A 179 7.26 -1.27 -19.70
N ASP A 180 6.83 -1.83 -18.57
CA ASP A 180 7.77 -2.45 -17.63
C ASP A 180 8.49 -3.64 -18.26
N THR A 181 9.81 -3.56 -18.31
CA THR A 181 10.61 -4.65 -18.84
C THR A 181 11.33 -5.43 -17.74
N ILE A 182 11.21 -4.95 -16.50
CA ILE A 182 11.88 -5.55 -15.35
C ILE A 182 10.93 -6.51 -14.61
N ALA A 183 9.70 -6.05 -14.41
CA ALA A 183 8.63 -6.90 -13.92
C ALA A 183 7.47 -6.84 -14.91
N PRO A 184 7.63 -7.45 -16.09
CA PRO A 184 6.63 -7.31 -17.15
C PRO A 184 5.25 -7.79 -16.71
N VAL A 185 4.23 -6.99 -17.01
CA VAL A 185 2.87 -7.29 -16.54
C VAL A 185 2.32 -8.61 -17.07
N SER A 186 2.75 -9.03 -18.26
CA SER A 186 2.24 -10.26 -18.84
C SER A 186 2.63 -11.49 -18.03
N THR A 187 3.76 -11.42 -17.32
CA THR A 187 4.23 -12.60 -16.61
C THR A 187 4.33 -12.41 -15.10
N HIS A 188 4.14 -11.18 -14.64
CA HIS A 188 4.15 -10.89 -13.21
C HIS A 188 2.76 -10.37 -12.79
N ALA A 189 2.53 -9.07 -12.90
CA ALA A 189 1.31 -8.48 -12.35
C ALA A 189 0.02 -9.20 -12.76
N LYS A 190 -0.16 -9.45 -14.06
CA LYS A 190 -1.42 -10.03 -14.50
C LYS A 190 -1.64 -11.46 -14.00
N PRO A 191 -0.64 -12.35 -14.15
CA PRO A 191 -0.87 -13.68 -13.55
C PRO A 191 -1.12 -13.60 -12.05
N PHE A 192 -0.46 -12.70 -11.32
CA PHE A 192 -0.77 -12.58 -9.90
C PHE A 192 -2.23 -12.22 -9.70
N TYR A 193 -2.70 -11.20 -10.41
CA TYR A 193 -4.07 -10.75 -10.26
C TYR A 193 -5.06 -11.87 -10.58
N GLU A 194 -4.84 -12.56 -11.69
CA GLU A 194 -5.77 -13.59 -12.11
C GLU A 194 -5.77 -14.80 -11.21
N SER A 195 -4.67 -15.04 -10.52
CA SER A 195 -4.55 -16.18 -9.59
CA SER A 195 -4.60 -16.20 -9.61
C SER A 195 -5.20 -15.92 -8.23
N LEU A 196 -5.28 -14.64 -7.84
CA LEU A 196 -5.99 -14.27 -6.62
C LEU A 196 -7.42 -14.80 -6.72
N PRO A 197 -8.03 -15.19 -5.59
CA PRO A 197 -9.40 -15.71 -5.65
C PRO A 197 -10.39 -14.77 -6.33
N SER A 198 -11.32 -15.35 -7.09
CA SER A 198 -12.38 -14.57 -7.73
C SER A 198 -13.28 -13.89 -6.70
N SER A 199 -13.34 -14.45 -5.49
CA SER A 199 -14.17 -13.90 -4.42
C SER A 199 -13.41 -12.97 -3.50
N LEU A 200 -12.13 -12.75 -3.77
CA LEU A 200 -11.35 -11.76 -3.03
C LEU A 200 -11.68 -10.36 -3.55
N PRO A 201 -11.88 -9.38 -2.66
CA PRO A 201 -11.91 -8.00 -3.14
C PRO A 201 -10.54 -7.64 -3.70
N LYS A 202 -10.48 -7.41 -5.00
CA LYS A 202 -9.21 -7.22 -5.67
C LYS A 202 -9.36 -6.28 -6.83
N ALA A 203 -8.24 -5.73 -7.28
CA ALA A 203 -8.22 -4.88 -8.44
C ALA A 203 -6.86 -4.92 -9.08
N TYR A 204 -6.86 -4.65 -10.38
CA TYR A 204 -5.64 -4.50 -11.16
C TYR A 204 -5.75 -3.18 -11.92
N MET A 205 -4.76 -2.31 -11.76
CA MET A 205 -4.71 -1.06 -12.51
C MET A 205 -3.40 -0.99 -13.27
N GLU A 206 -3.49 -0.95 -14.59
CA GLU A 206 -2.28 -0.81 -15.40
C GLU A 206 -2.15 0.62 -15.89
N LEU A 207 -0.93 1.15 -15.79
CA LEU A 207 -0.66 2.53 -16.18
C LEU A 207 -0.12 2.59 -17.61
N ASP A 208 -0.81 3.35 -18.45
CA ASP A 208 -0.40 3.55 -19.84
C ASP A 208 0.97 4.24 -19.92
N GLY A 209 1.84 3.74 -20.78
CA GLY A 209 3.10 4.41 -21.06
C GLY A 209 4.09 4.45 -19.92
N ALA A 210 3.82 3.69 -18.87
CA ALA A 210 4.63 3.74 -17.67
C ALA A 210 5.75 2.72 -17.66
N THR A 211 6.91 3.13 -17.13
CA THR A 211 8.02 2.23 -16.95
C THR A 211 7.99 1.63 -15.55
N HIS A 212 8.93 0.72 -15.32
CA HIS A 212 9.07 0.04 -14.05
C HIS A 212 9.22 0.99 -12.86
N PHE A 213 9.79 2.16 -13.10
CA PHE A 213 10.09 3.06 -12.00
C PHE A 213 9.01 4.13 -11.80
N ALA A 214 7.92 4.03 -12.54
CA ALA A 214 6.80 4.93 -12.33
C ALA A 214 6.37 5.04 -10.85
N PRO A 215 6.34 3.92 -10.09
CA PRO A 215 5.93 4.09 -8.69
C PRO A 215 6.92 4.87 -7.84
N ASN A 216 8.09 5.21 -8.36
CA ASN A 216 9.12 5.90 -7.56
C ASN A 216 9.07 7.41 -7.72
N ILE A 217 8.14 7.87 -8.55
CA ILE A 217 7.95 9.29 -8.84
C ILE A 217 6.53 9.63 -8.46
N PRO A 218 6.30 10.78 -7.80
CA PRO A 218 4.92 11.17 -7.47
C PRO A 218 4.00 11.05 -8.68
N ASN A 219 2.89 10.35 -8.46
CA ASN A 219 1.99 9.96 -9.53
C ASN A 219 0.59 10.02 -8.95
N THR A 220 -0.22 10.94 -9.44
CA THR A 220 -1.54 11.14 -8.87
C THR A 220 -2.49 9.98 -9.12
N THR A 221 -2.33 9.31 -10.26
CA THR A 221 -3.17 8.14 -10.56
C THR A 221 -2.88 7.02 -9.58
N ILE A 222 -1.61 6.76 -9.29
CA ILE A 222 -1.27 5.80 -8.25
C ILE A 222 -1.82 6.25 -6.89
N ALA A 223 -1.52 7.50 -6.52
CA ALA A 223 -1.83 7.95 -5.17
C ALA A 223 -3.32 7.88 -4.87
N LYS A 224 -4.14 8.32 -5.82
CA LYS A 224 -5.55 8.48 -5.53
C LYS A 224 -6.23 7.13 -5.27
N TYR A 225 -5.76 6.12 -5.98
CA TYR A 225 -6.36 4.80 -5.82
C TYR A 225 -5.72 3.99 -4.71
N VAL A 226 -4.44 4.23 -4.43
CA VAL A 226 -3.81 3.69 -3.22
C VAL A 226 -4.55 4.23 -1.99
N ILE A 227 -4.81 5.53 -1.97
CA ILE A 227 -5.52 6.13 -0.85
C ILE A 227 -6.92 5.54 -0.72
N SER A 228 -7.63 5.43 -1.84
CA SER A 228 -8.97 4.88 -1.82
C SER A 228 -8.98 3.42 -1.35
N TRP A 229 -8.01 2.63 -1.79
CA TRP A 229 -7.92 1.23 -1.38
C TRP A 229 -7.67 1.11 0.12
N LEU A 230 -6.70 1.86 0.63
CA LEU A 230 -6.46 1.82 2.06
C LEU A 230 -7.67 2.29 2.86
N LYS A 231 -8.32 3.37 2.43
CA LYS A 231 -9.53 3.82 3.13
C LYS A 231 -10.59 2.72 3.16
N ARG A 232 -10.85 2.13 2.00
CA ARG A 232 -11.91 1.14 1.92
C ARG A 232 -11.61 -0.09 2.76
N PHE A 233 -10.35 -0.51 2.82
CA PHE A 233 -10.05 -1.80 3.46
C PHE A 233 -9.38 -1.73 4.83
N VAL A 234 -8.53 -0.75 5.06
CA VAL A 234 -7.95 -0.56 6.40
C VAL A 234 -8.96 0.10 7.33
N ASP A 235 -9.77 1.02 6.80
CA ASP A 235 -10.76 1.74 7.62
C ASP A 235 -12.20 1.26 7.42
N GLU A 236 -12.42 0.32 6.50
CA GLU A 236 -13.77 -0.10 6.11
C GLU A 236 -14.60 1.10 5.71
N ASP A 237 -13.96 2.10 5.13
CA ASP A 237 -14.62 3.38 4.89
C ASP A 237 -15.32 3.33 3.53
N THR A 238 -16.62 3.07 3.56
CA THR A 238 -17.38 2.91 2.34
C THR A 238 -17.64 4.22 1.62
N ARG A 239 -17.26 5.35 2.21
CA ARG A 239 -17.30 6.62 1.48
C ARG A 239 -16.35 6.60 0.30
N TYR A 240 -15.36 5.71 0.34
CA TYR A 240 -14.37 5.63 -0.73
C TYR A 240 -14.70 4.58 -1.79
N SER A 241 -15.78 3.83 -1.58
CA SER A 241 -16.23 2.86 -2.56
C SER A 241 -16.53 3.54 -3.90
N GLN A 242 -17.02 4.77 -3.83
CA GLN A 242 -17.40 5.48 -5.04
CA GLN A 242 -17.37 5.60 -4.99
C GLN A 242 -16.26 5.62 -6.04
N PHE A 243 -15.02 5.60 -5.57
CA PHE A 243 -13.86 5.76 -6.46
C PHE A 243 -13.32 4.43 -6.97
N LEU A 244 -13.69 3.33 -6.31
CA LEU A 244 -13.19 2.01 -6.67
C LEU A 244 -14.14 1.20 -7.53
N CYS A 245 -15.44 1.39 -7.34
CA CYS A 245 -16.46 0.68 -8.09
C CYS A 245 -17.56 1.67 -8.47
N PRO A 246 -17.92 1.73 -9.76
CA PRO A 246 -17.38 0.98 -10.90
C PRO A 246 -15.93 1.33 -11.21
N ASN A 247 -15.31 0.54 -12.10
CA ASN A 247 -13.86 0.65 -12.31
C ASN A 247 -13.42 2.05 -12.70
N PRO A 248 -12.30 2.53 -12.13
CA PRO A 248 -11.65 3.75 -12.63
C PRO A 248 -11.39 3.69 -14.14
N THR A 249 -11.53 4.84 -14.80
CA THR A 249 -11.31 4.95 -16.24
C THR A 249 -10.38 6.11 -16.60
N ASP A 250 -9.63 6.63 -15.63
CA ASP A 250 -8.71 7.75 -15.87
C ASP A 250 -7.90 7.53 -17.14
N ARG A 251 -7.65 8.60 -17.90
CA ARG A 251 -6.87 8.51 -19.14
C ARG A 251 -5.51 7.86 -18.94
N ALA A 252 -4.93 8.04 -17.75
CA ALA A 252 -3.62 7.46 -17.45
C ALA A 252 -3.68 5.94 -17.31
N ILE A 253 -4.87 5.40 -17.19
CA ILE A 253 -5.07 3.97 -16.97
C ILE A 253 -5.22 3.21 -18.28
N GLU A 254 -4.34 2.25 -18.48
CA GLU A 254 -4.36 1.36 -19.65
C GLU A 254 -5.53 0.39 -19.57
N GLU A 255 -5.71 -0.19 -18.39
CA GLU A 255 -6.73 -1.19 -18.15
C GLU A 255 -6.99 -1.26 -16.66
N TYR A 256 -8.23 -1.54 -16.29
CA TYR A 256 -8.57 -1.80 -14.91
C TYR A 256 -9.41 -3.06 -14.85
N ARG A 257 -9.11 -3.94 -13.89
CA ARG A 257 -9.91 -5.13 -13.64
C ARG A 257 -10.27 -5.12 -12.17
N SER A 258 -11.44 -5.65 -11.83
CA SER A 258 -11.84 -5.71 -10.43
C SER A 258 -12.87 -6.78 -10.17
N THR A 259 -13.07 -7.07 -8.90
CA THR A 259 -14.17 -7.90 -8.46
C THR A 259 -15.28 -7.06 -7.81
N CYS A 260 -15.43 -5.82 -8.28
CA CYS A 260 -16.53 -4.96 -7.84
C CYS A 260 -17.88 -5.65 -8.09
N PRO A 261 -18.87 -5.40 -7.22
CA PRO A 261 -18.82 -4.57 -6.01
C PRO A 261 -18.19 -5.31 -4.85
N TYR A 262 -17.62 -4.55 -3.92
CA TYR A 262 -16.98 -5.15 -2.75
C TYR A 262 -17.95 -5.20 -1.57
N LYS A 263 -18.55 -6.37 -1.37
CA LYS A 263 -19.51 -6.58 -0.29
C LYS A 263 -18.92 -6.21 1.06
#